data_5YVY
#
_entry.id   5YVY
#
_cell.length_a   52.900
_cell.length_b   88.770
_cell.length_c   81.450
_cell.angle_alpha   90.00
_cell.angle_beta   93.85
_cell.angle_gamma   90.00
#
_symmetry.space_group_name_H-M   'P 1 21 1'
#
loop_
_entity.id
_entity.type
_entity.pdbx_description
1 polymer 'Genome polyprotein'
2 polymer 'Genome polyprotein'
#
loop_
_entity_poly.entity_id
_entity_poly.type
_entity_poly.pdbx_seq_one_letter_code
_entity_poly.pdbx_strand_id
1 'polypeptide(L)' ADLSLEKAANVQWDEMADITGSSPIIEVKQDEDGSFSIRDVEETNMIVKTQR A
2 'polypeptide(L)'
;SGALWDVPSPAATQKATLSEGVYRIMQRGSSGKTQVGVGIHMEGVFHTMWHVTRGSVICHETGRLEPSWADVRNDMISYG
GGWRLGDKWDKEEDVQVLAIEPGKNPKHVQTKPGLFKTLTGEIGAVTLDFKPGTSGSPIINKKGKVIGLYGNGVVTKSGD
YVSAITQAERIGEPDYEVDEDIFRKKRLTIMDLHPGAGKTKRILPSIVREALKRRLRTLILAPTRVVAAEMEEALRGLPI
RYQTPAVKSEHTGREIVDLMCHATFTTRLLSSTRVPNYNLIVMDEAHFTDPCSVAARGYISTRVEMGEAAAIFMTATPPG
SIDPFPQSNSPIEDIEREIPERSWNTGFDWITDYQGKTVWFVPSIKAGNDIANCLRKSGKKVIQLSRKTFDTEYPKTKLT
DWDFVVTTDISEMGANFRAGRVIDPRRCLKPVILTDGPERVILAGPIPVTPASAAQRRGRIGRNPAQEDDQYVFSGDPLK
NDEDHAHWTEAKMLLDNIYTPEGIIPTLFGPEREKTQAIDGEFRLRGEQRKTFVELMRRGDLPVWLSYKVASAGISYKDR
EWCFTGERNNQILEENMEVEIWTREGEKKKLRPKWLDARVYADPMALKDFKEFASGRK
;
B
#
# COMPACT_ATOMS: atom_id res chain seq x y z
N SER A 4 -10.54 26.35 10.46
CA SER A 4 -11.54 26.08 11.48
C SER A 4 -11.19 26.83 12.76
N LEU A 5 -12.16 27.59 13.28
CA LEU A 5 -11.95 28.37 14.49
C LEU A 5 -12.21 27.52 15.73
N GLU A 6 -12.06 28.14 16.90
CA GLU A 6 -12.35 27.47 18.16
C GLU A 6 -13.83 27.17 18.27
N LYS A 7 -14.15 25.97 18.76
CA LYS A 7 -15.54 25.55 18.91
C LYS A 7 -16.25 26.37 19.97
N ALA A 8 -15.48 26.86 20.94
CA ALA A 8 -16.03 27.56 22.10
C ALA A 8 -17.11 26.71 22.75
N ALA A 9 -16.85 25.41 22.83
CA ALA A 9 -17.89 24.46 23.23
C ALA A 9 -17.52 23.69 24.49
N ASN A 10 -18.55 23.36 25.25
CA ASN A 10 -18.40 22.53 26.44
C ASN A 10 -19.48 21.46 26.45
N VAL A 11 -19.15 20.28 26.96
CA VAL A 11 -20.13 19.22 27.09
C VAL A 11 -20.86 19.36 28.42
N GLN A 12 -21.70 20.38 28.52
CA GLN A 12 -22.42 20.66 29.75
C GLN A 12 -23.94 20.65 29.53
N TRP A 13 -24.68 20.70 30.63
CA TRP A 13 -26.14 20.75 30.57
C TRP A 13 -26.67 22.01 31.23
N ASP A 14 -27.32 22.86 30.44
CA ASP A 14 -28.01 24.02 30.99
C ASP A 14 -29.50 23.71 31.10
N GLU A 15 -30.00 23.66 32.32
CA GLU A 15 -31.42 23.41 32.57
C GLU A 15 -32.23 24.66 32.24
N MET A 16 -31.54 25.79 32.14
CA MET A 16 -32.17 27.06 31.78
C MET A 16 -32.59 27.05 30.32
N ALA A 17 -32.05 26.10 29.55
CA ALA A 17 -32.32 26.00 28.12
C ALA A 17 -33.80 25.86 27.83
N ASP A 18 -34.26 26.54 26.78
CA ASP A 18 -35.65 26.52 26.38
C ASP A 18 -36.10 25.13 25.95
N ILE A 19 -37.31 24.75 26.36
CA ILE A 19 -37.86 23.44 26.03
C ILE A 19 -38.97 23.55 25.00
N THR A 20 -38.59 23.65 23.73
CA THR A 20 -39.56 23.75 22.64
C THR A 20 -39.57 22.46 21.82
N GLY A 21 -40.13 22.55 20.61
CA GLY A 21 -40.09 21.45 19.68
C GLY A 21 -41.30 20.54 19.74
N SER A 22 -41.66 19.99 18.58
CA SER A 22 -42.72 19.01 18.46
C SER A 22 -42.11 17.61 18.36
N SER A 23 -42.93 16.59 18.54
CA SER A 23 -42.47 15.22 18.41
C SER A 23 -43.27 14.46 17.35
N PRO A 24 -43.13 14.86 16.08
CA PRO A 24 -43.94 14.20 15.05
C PRO A 24 -43.39 12.83 14.66
N ILE A 25 -44.23 11.81 14.75
CA ILE A 25 -43.88 10.49 14.24
C ILE A 25 -43.69 10.60 12.73
N ILE A 26 -42.47 10.38 12.26
CA ILE A 26 -42.18 10.59 10.86
C ILE A 26 -41.63 9.32 10.20
N GLU A 27 -42.13 9.03 9.01
CA GLU A 27 -41.75 7.81 8.29
C GLU A 27 -40.92 8.17 7.07
N VAL A 28 -39.69 7.66 7.03
CA VAL A 28 -38.72 8.07 6.03
C VAL A 28 -37.91 6.90 5.49
N LYS A 29 -37.61 6.92 4.20
CA LYS A 29 -36.64 6.00 3.61
C LYS A 29 -35.30 6.72 3.41
N GLN A 30 -34.20 6.04 3.73
CA GLN A 30 -32.87 6.68 3.65
C GLN A 30 -32.37 6.78 2.20
N ASP A 31 -31.44 7.70 1.97
CA ASP A 31 -30.76 7.81 0.69
C ASP A 31 -29.32 7.35 0.85
N GLU A 32 -28.73 6.86 -0.24
CA GLU A 32 -27.32 6.51 -0.24
C GLU A 32 -26.47 7.77 -0.12
N ASP A 33 -27.07 8.89 -0.53
CA ASP A 33 -26.40 10.19 -0.48
C ASP A 33 -26.45 10.78 0.92
N GLY A 34 -27.38 10.30 1.74
CA GLY A 34 -27.51 10.77 3.11
C GLY A 34 -28.77 11.58 3.33
N SER A 35 -29.39 12.03 2.25
CA SER A 35 -30.65 12.75 2.35
C SER A 35 -31.77 11.78 2.71
N PHE A 36 -33.00 12.29 2.75
CA PHE A 36 -34.11 11.48 3.25
C PHE A 36 -35.36 11.57 2.37
N SER A 37 -36.19 10.53 2.43
CA SER A 37 -37.36 10.42 1.56
C SER A 37 -38.67 10.62 2.29
N ILE A 38 -39.76 10.52 1.52
CA ILE A 38 -41.10 10.70 2.06
C ILE A 38 -41.98 9.51 1.69
N ARG A 39 -42.81 9.08 2.65
CA ARG A 39 -43.72 7.94 2.46
C ARG A 39 -42.95 6.68 2.09
N ARG B 24 -16.07 26.35 14.74
CA ARG B 24 -15.22 26.11 13.58
C ARG B 24 -15.82 26.71 12.31
N ILE B 25 -15.04 27.52 11.61
CA ILE B 25 -15.52 28.20 10.41
C ILE B 25 -14.52 28.13 9.25
N MET B 26 -15.04 27.98 8.05
CA MET B 26 -14.23 27.99 6.83
C MET B 26 -14.78 29.01 5.85
N GLN B 27 -13.92 29.91 5.39
CA GLN B 27 -14.36 31.01 4.52
C GLN B 27 -13.53 31.10 3.24
N ARG B 28 -14.22 31.24 2.11
CA ARG B 28 -13.58 31.40 0.81
C ARG B 28 -14.56 31.94 -0.21
N GLN B 35 -19.46 30.06 9.32
CA GLN B 35 -19.28 28.65 9.61
C GLN B 35 -20.33 27.79 8.89
N VAL B 36 -19.85 26.87 8.05
CA VAL B 36 -20.73 25.96 7.33
C VAL B 36 -20.98 24.70 8.13
N GLY B 37 -20.23 24.53 9.21
CA GLY B 37 -20.36 23.38 10.08
C GLY B 37 -19.46 23.44 11.29
N VAL B 38 -19.93 22.88 12.40
CA VAL B 38 -19.14 22.83 13.64
C VAL B 38 -18.76 21.38 13.94
N GLY B 39 -17.52 21.18 14.39
CA GLY B 39 -17.07 19.83 14.70
C GLY B 39 -16.92 19.59 16.19
N ILE B 40 -16.66 18.34 16.55
CA ILE B 40 -16.41 17.99 17.95
C ILE B 40 -15.17 17.11 18.07
N HIS B 41 -14.27 17.47 18.98
CA HIS B 41 -13.08 16.67 19.21
C HIS B 41 -13.19 15.88 20.51
N MET B 42 -13.44 14.57 20.37
CA MET B 42 -13.59 13.70 21.53
C MET B 42 -12.69 12.47 21.43
N GLU B 43 -12.13 12.07 22.57
CA GLU B 43 -11.22 10.94 22.65
C GLU B 43 -10.05 11.05 21.69
N GLY B 44 -9.56 12.27 21.51
CA GLY B 44 -8.40 12.52 20.68
C GLY B 44 -8.71 12.65 19.20
N VAL B 45 -9.90 12.23 18.80
CA VAL B 45 -10.28 12.24 17.40
C VAL B 45 -11.29 13.33 17.07
N PHE B 46 -11.67 13.41 15.79
CA PHE B 46 -12.56 14.46 15.31
C PHE B 46 -13.85 13.84 14.77
N HIS B 47 -14.98 14.46 15.10
CA HIS B 47 -16.29 13.95 14.70
C HIS B 47 -17.18 15.05 14.15
N THR B 48 -17.62 14.91 12.90
CA THR B 48 -18.44 15.94 12.25
C THR B 48 -19.35 15.33 11.18
N MET B 49 -20.21 16.17 10.61
CA MET B 49 -21.09 15.78 9.52
C MET B 49 -20.29 15.61 8.23
N TRP B 50 -20.88 14.96 7.24
CA TRP B 50 -20.19 14.70 5.97
C TRP B 50 -20.34 15.86 4.97
N HIS B 51 -21.57 16.34 4.78
CA HIS B 51 -21.86 17.32 3.74
C HIS B 51 -21.32 18.71 4.06
N VAL B 52 -20.83 18.90 5.28
CA VAL B 52 -20.24 20.18 5.68
C VAL B 52 -18.80 20.33 5.21
N THR B 53 -18.10 19.21 5.08
CA THR B 53 -16.69 19.23 4.72
C THR B 53 -16.40 18.43 3.46
N ARG B 54 -17.13 17.33 3.27
CA ARG B 54 -16.98 16.45 2.10
C ARG B 54 -15.59 15.80 2.03
N GLY B 55 -14.79 15.96 3.09
CA GLY B 55 -13.50 15.29 3.18
C GLY B 55 -12.28 16.20 3.09
N SER B 56 -12.48 17.51 3.24
CA SER B 56 -11.37 18.46 3.14
C SER B 56 -10.64 18.61 4.47
N VAL B 57 -9.31 18.70 4.38
CA VAL B 57 -8.46 18.83 5.57
C VAL B 57 -8.32 20.28 6.02
N ILE B 58 -8.42 20.51 7.32
CA ILE B 58 -8.22 21.85 7.89
C ILE B 58 -7.07 21.86 8.88
N CYS B 59 -6.27 22.92 8.85
CA CYS B 59 -5.15 23.08 9.76
C CYS B 59 -5.44 24.12 10.84
N HIS B 60 -5.33 23.71 12.11
CA HIS B 60 -5.42 24.65 13.22
C HIS B 60 -4.04 25.23 13.50
N GLU B 61 -3.89 25.88 14.65
CA GLU B 61 -2.57 26.33 15.10
C GLU B 61 -1.72 25.10 15.39
N THR B 62 -2.39 24.02 15.76
CA THR B 62 -1.75 22.72 15.98
C THR B 62 -1.42 22.06 14.64
N GLY B 63 -1.21 20.75 14.67
CA GLY B 63 -0.93 19.99 13.47
C GLY B 63 -2.15 19.91 12.57
N ARG B 64 -1.93 19.80 11.27
CA ARG B 64 -3.01 19.71 10.30
C ARG B 64 -3.82 18.43 10.52
N LEU B 65 -5.13 18.52 10.27
CA LEU B 65 -6.01 17.37 10.43
C LEU B 65 -5.84 16.38 9.29
N GLU B 66 -6.73 15.40 9.23
CA GLU B 66 -6.72 14.37 8.20
C GLU B 66 -7.92 13.45 8.35
N PRO B 67 -8.58 13.11 7.22
CA PRO B 67 -9.75 12.23 7.30
C PRO B 67 -9.37 10.81 7.66
N SER B 68 -10.33 10.02 8.12
CA SER B 68 -10.06 8.65 8.54
C SER B 68 -11.21 7.71 8.18
N TRP B 69 -12.43 8.16 8.44
CA TRP B 69 -13.61 7.34 8.21
C TRP B 69 -14.81 8.21 7.82
N ALA B 70 -15.69 7.66 6.99
CA ALA B 70 -16.86 8.39 6.52
C ALA B 70 -17.99 7.46 6.08
N ASP B 71 -19.15 7.64 6.69
CA ASP B 71 -20.34 6.91 6.27
C ASP B 71 -21.37 7.89 5.72
N VAL B 72 -21.62 7.81 4.41
CA VAL B 72 -22.54 8.71 3.74
C VAL B 72 -23.98 8.39 4.11
N ARG B 73 -24.26 7.11 4.37
CA ARG B 73 -25.60 6.67 4.74
C ARG B 73 -26.05 7.31 6.05
N ASN B 74 -25.11 7.47 6.98
CA ASN B 74 -25.40 8.14 8.24
C ASN B 74 -24.88 9.57 8.26
N ASP B 75 -24.34 10.00 7.13
CA ASP B 75 -23.90 11.38 6.92
C ASP B 75 -22.84 11.80 7.95
N MET B 76 -22.04 10.83 8.40
CA MET B 76 -21.06 11.09 9.44
C MET B 76 -19.63 11.00 8.88
N ILE B 77 -18.72 11.73 9.51
CA ILE B 77 -17.32 11.72 9.11
C ILE B 77 -16.42 11.86 10.34
N SER B 78 -15.26 11.20 10.30
CA SER B 78 -14.34 11.23 11.44
C SER B 78 -12.91 11.45 10.96
N TYR B 79 -12.25 12.44 11.57
CA TYR B 79 -10.91 12.80 11.19
C TYR B 79 -9.88 12.31 12.21
N GLY B 80 -8.73 11.86 11.73
CA GLY B 80 -7.63 11.45 12.59
C GLY B 80 -7.93 10.24 13.45
N GLY B 81 -8.96 9.48 13.08
CA GLY B 81 -9.35 8.30 13.83
C GLY B 81 -10.81 7.95 13.59
N GLY B 82 -11.20 6.76 14.02
CA GLY B 82 -12.56 6.30 13.83
C GLY B 82 -13.54 6.92 14.81
N TRP B 83 -14.81 6.59 14.62
CA TRP B 83 -15.88 7.05 15.51
C TRP B 83 -15.63 6.56 16.93
N ARG B 84 -15.82 7.45 17.91
CA ARG B 84 -15.40 7.14 19.28
C ARG B 84 -16.44 7.46 20.35
N LEU B 85 -17.68 7.67 19.94
CA LEU B 85 -18.76 7.85 20.91
C LEU B 85 -19.96 6.97 20.59
N GLY B 86 -20.61 6.50 21.66
CA GLY B 86 -21.54 5.40 21.55
C GLY B 86 -23.00 5.76 21.67
N ASP B 87 -23.86 4.80 21.34
CA ASP B 87 -25.28 5.01 21.33
C ASP B 87 -25.86 5.20 22.70
N LYS B 88 -26.85 6.08 22.79
CA LYS B 88 -27.53 6.23 24.08
C LYS B 88 -28.92 6.90 24.00
N TRP B 89 -29.58 6.81 22.85
CA TRP B 89 -30.94 7.34 22.76
C TRP B 89 -31.88 6.36 23.46
N ASP B 90 -32.65 6.88 24.40
CA ASP B 90 -33.48 6.08 25.28
C ASP B 90 -34.95 6.10 24.86
N LYS B 91 -35.21 6.77 23.74
CA LYS B 91 -36.54 6.80 23.12
C LYS B 91 -37.63 7.37 24.01
N GLU B 92 -37.25 7.82 25.20
CA GLU B 92 -38.19 8.34 26.17
C GLU B 92 -37.61 9.58 26.87
N GLU B 93 -36.29 9.63 26.99
CA GLU B 93 -35.62 10.74 27.65
C GLU B 93 -35.55 11.98 26.75
N ASP B 94 -35.97 13.11 27.28
CA ASP B 94 -35.91 14.37 26.56
C ASP B 94 -34.46 14.82 26.37
N VAL B 95 -33.97 14.74 25.14
CA VAL B 95 -32.61 15.17 24.83
C VAL B 95 -32.57 16.63 24.43
N GLN B 96 -31.38 17.19 24.31
CA GLN B 96 -31.26 18.60 23.95
C GLN B 96 -30.08 18.87 23.02
N VAL B 97 -30.19 19.96 22.25
CA VAL B 97 -29.16 20.33 21.29
C VAL B 97 -28.36 21.54 21.75
N LEU B 98 -27.04 21.46 21.62
CA LEU B 98 -26.16 22.59 21.96
C LEU B 98 -25.83 23.37 20.70
N ALA B 99 -26.68 24.33 20.35
CA ALA B 99 -26.57 25.06 19.10
C ALA B 99 -25.32 25.93 19.03
N ILE B 100 -24.77 26.07 17.83
CA ILE B 100 -23.67 27.00 17.56
C ILE B 100 -23.95 27.72 16.24
N GLU B 101 -24.45 28.94 16.34
CA GLU B 101 -24.89 29.68 15.16
C GLU B 101 -23.86 30.72 14.70
N PRO B 102 -23.79 30.96 13.38
CA PRO B 102 -22.89 31.97 12.82
C PRO B 102 -23.34 33.39 13.14
N GLY B 103 -22.42 34.22 13.61
CA GLY B 103 -22.73 35.60 13.92
C GLY B 103 -22.87 35.90 15.40
N LYS B 104 -23.18 34.86 16.19
CA LYS B 104 -23.40 35.06 17.61
C LYS B 104 -23.04 33.83 18.46
N ASN B 105 -23.38 33.92 19.75
CA ASN B 105 -23.01 32.94 20.75
C ASN B 105 -23.69 31.57 20.56
N PRO B 106 -23.12 30.53 21.16
CA PRO B 106 -23.78 29.21 21.16
C PRO B 106 -24.95 29.15 22.13
N LYS B 107 -26.15 28.87 21.60
CA LYS B 107 -27.34 28.77 22.43
C LYS B 107 -27.64 27.33 22.82
N HIS B 108 -28.54 27.14 23.77
CA HIS B 108 -28.91 25.82 24.25
C HIS B 108 -30.43 25.65 24.29
N VAL B 109 -30.90 24.49 23.86
CA VAL B 109 -32.34 24.23 23.83
C VAL B 109 -32.71 22.96 24.59
N GLN B 110 -33.90 22.44 24.35
CA GLN B 110 -34.37 21.20 24.97
C GLN B 110 -35.56 20.67 24.19
N THR B 111 -35.61 19.35 23.98
CA THR B 111 -36.61 18.76 23.12
C THR B 111 -37.01 17.35 23.55
N LYS B 112 -38.29 17.02 23.39
CA LYS B 112 -38.75 15.64 23.48
C LYS B 112 -38.87 15.08 22.07
N PRO B 113 -37.84 14.35 21.63
CA PRO B 113 -37.75 13.88 20.24
C PRO B 113 -38.84 12.88 19.87
N GLY B 114 -39.15 12.79 18.57
CA GLY B 114 -40.12 11.85 18.07
C GLY B 114 -39.46 10.66 17.42
N LEU B 115 -40.23 9.90 16.66
CA LEU B 115 -39.71 8.70 16.01
C LEU B 115 -39.54 8.92 14.50
N PHE B 116 -38.33 8.63 14.01
CA PHE B 116 -38.08 8.62 12.57
C PHE B 116 -38.03 7.18 12.09
N LYS B 117 -39.11 6.75 11.45
CA LYS B 117 -39.29 5.35 11.09
C LYS B 117 -38.67 5.00 9.74
N THR B 118 -37.38 4.69 9.74
CA THR B 118 -36.75 4.14 8.55
C THR B 118 -37.23 2.70 8.40
N LEU B 119 -37.27 2.21 7.16
CA LEU B 119 -37.76 0.87 6.89
C LEU B 119 -36.94 -0.18 7.65
N THR B 120 -35.63 0.04 7.69
CA THR B 120 -34.72 -0.91 8.34
C THR B 120 -34.80 -0.82 9.86
N GLY B 121 -34.80 0.40 10.38
CA GLY B 121 -34.82 0.60 11.82
C GLY B 121 -35.38 1.95 12.24
N GLU B 122 -35.48 2.17 13.54
CA GLU B 122 -36.02 3.41 14.07
C GLU B 122 -34.92 4.27 14.69
N ILE B 123 -34.92 5.56 14.34
CA ILE B 123 -33.93 6.50 14.84
C ILE B 123 -34.63 7.74 15.41
N GLY B 124 -34.06 8.33 16.46
CA GLY B 124 -34.63 9.51 17.08
C GLY B 124 -34.73 10.70 16.14
N ALA B 125 -35.73 11.53 16.36
CA ALA B 125 -35.97 12.70 15.50
C ALA B 125 -36.31 13.93 16.32
N VAL B 126 -35.39 14.89 16.36
CA VAL B 126 -35.62 16.15 17.06
C VAL B 126 -36.08 17.24 16.09
N THR B 127 -37.30 17.73 16.29
CA THR B 127 -37.83 18.81 15.46
C THR B 127 -37.18 20.13 15.86
N LEU B 128 -36.31 20.65 15.00
CA LEU B 128 -35.57 21.87 15.30
C LEU B 128 -35.13 22.57 14.02
N ASP B 129 -34.65 23.81 14.15
CA ASP B 129 -34.21 24.58 12.99
C ASP B 129 -33.25 25.70 13.37
N PHE B 130 -32.17 25.81 12.61
CA PHE B 130 -31.22 26.90 12.74
C PHE B 130 -30.77 27.39 11.38
N LYS B 131 -30.06 28.51 11.36
CA LYS B 131 -29.49 29.03 10.11
C LYS B 131 -28.50 28.02 9.54
N PRO B 132 -28.41 27.95 8.20
CA PRO B 132 -27.49 27.01 7.53
C PRO B 132 -26.05 27.17 8.00
N GLY B 133 -25.44 26.05 8.40
CA GLY B 133 -24.06 26.06 8.86
C GLY B 133 -23.93 25.84 10.35
N THR B 134 -24.93 25.21 10.95
CA THR B 134 -24.91 24.91 12.37
C THR B 134 -24.90 23.41 12.63
N SER B 135 -24.56 22.65 11.60
CA SER B 135 -24.53 21.20 11.69
C SER B 135 -23.31 20.72 12.47
N GLY B 136 -23.50 19.70 13.31
CA GLY B 136 -22.43 19.15 14.12
C GLY B 136 -22.58 19.52 15.58
N SER B 137 -23.72 20.10 15.93
CA SER B 137 -24.01 20.46 17.31
C SER B 137 -24.18 19.23 18.18
N PRO B 138 -23.52 19.22 19.35
CA PRO B 138 -23.61 18.10 20.29
C PRO B 138 -24.98 17.96 20.95
N ILE B 139 -25.37 16.73 21.25
CA ILE B 139 -26.66 16.44 21.85
C ILE B 139 -26.46 15.86 23.26
N ILE B 140 -27.43 16.06 24.13
CA ILE B 140 -27.36 15.51 25.48
C ILE B 140 -28.74 15.08 25.98
N LYS B 145 -23.62 12.37 28.01
CA LYS B 145 -22.66 12.78 27.00
C LYS B 145 -23.32 12.98 25.65
N VAL B 146 -22.50 13.08 24.61
CA VAL B 146 -23.00 13.33 23.27
C VAL B 146 -23.53 12.02 22.68
N ILE B 147 -24.79 12.08 22.24
CA ILE B 147 -25.47 10.88 21.78
C ILE B 147 -25.81 10.94 20.32
N GLY B 148 -25.74 12.16 19.77
CA GLY B 148 -25.94 12.39 18.36
C GLY B 148 -25.28 13.62 17.77
N LEU B 149 -25.30 13.70 16.44
CA LEU B 149 -24.77 14.90 15.76
C LEU B 149 -25.89 15.56 14.97
N TYR B 150 -26.36 16.70 15.46
CA TYR B 150 -27.44 17.44 14.79
C TYR B 150 -26.97 18.00 13.45
N GLY B 151 -27.83 17.89 12.44
CA GLY B 151 -27.53 18.37 11.11
C GLY B 151 -28.50 17.89 10.04
N ASN B 152 -28.37 16.62 9.67
CA ASN B 152 -29.20 16.04 8.62
C ASN B 152 -30.66 15.99 9.02
N GLY B 153 -31.53 16.54 8.18
CA GLY B 153 -32.94 16.61 8.49
C GLY B 153 -33.88 16.60 7.29
N VAL B 154 -35.17 16.72 7.57
CA VAL B 154 -36.21 16.72 6.54
C VAL B 154 -37.07 17.98 6.61
N VAL B 155 -37.67 18.34 5.49
CA VAL B 155 -38.58 19.47 5.43
C VAL B 155 -39.89 19.08 4.77
N THR B 156 -40.93 18.89 5.57
CA THR B 156 -42.26 18.63 5.05
C THR B 156 -42.87 19.95 4.61
N LYS B 157 -43.31 20.01 3.35
CA LYS B 157 -43.96 21.23 2.85
C LYS B 157 -45.28 21.45 3.58
N SER B 158 -45.84 20.35 4.10
CA SER B 158 -47.08 20.39 4.86
C SER B 158 -46.87 21.03 6.23
N GLY B 159 -45.73 20.75 6.86
CA GLY B 159 -45.44 21.27 8.18
C GLY B 159 -44.12 22.02 8.27
N ASP B 160 -43.38 21.76 9.34
CA ASP B 160 -42.10 22.42 9.57
C ASP B 160 -40.95 21.47 9.23
N TYR B 161 -39.73 21.88 9.60
CA TYR B 161 -38.53 21.10 9.32
C TYR B 161 -38.07 20.33 10.55
N VAL B 162 -37.94 19.02 10.40
CA VAL B 162 -37.49 18.15 11.48
C VAL B 162 -36.05 17.69 11.23
N SER B 163 -35.31 17.44 12.30
CA SER B 163 -33.95 16.94 12.18
C SER B 163 -33.83 15.55 12.79
N ALA B 164 -32.73 14.86 12.47
CA ALA B 164 -32.52 13.50 12.93
C ALA B 164 -31.30 13.38 13.84
N ILE B 165 -31.47 12.64 14.93
CA ILE B 165 -30.36 12.36 15.84
C ILE B 165 -29.46 11.29 15.24
N THR B 166 -28.66 11.69 14.25
CA THR B 166 -27.83 10.75 13.52
C THR B 166 -26.48 10.51 14.19
N GLN B 167 -26.21 9.25 14.49
CA GLN B 167 -24.91 8.84 15.03
C GLN B 167 -24.65 7.38 14.73
N ALA B 168 -23.40 7.06 14.41
CA ALA B 168 -23.00 5.69 14.10
C ALA B 168 -22.59 4.93 15.35
N GLU B 169 -22.33 3.63 15.18
CA GLU B 169 -21.89 2.78 16.28
C GLU B 169 -20.39 2.92 16.51
N ARG B 170 -20.01 3.28 17.75
CA ARG B 170 -18.62 3.55 18.08
C ARG B 170 -17.71 2.36 17.82
N ILE B 171 -16.56 2.62 17.20
CA ILE B 171 -15.57 1.58 16.93
C ILE B 171 -14.20 2.19 16.66
N ASP B 175 -10.14 1.74 18.27
CA ASP B 175 -9.90 0.35 17.92
C ASP B 175 -8.42 -0.01 18.06
N TYR B 176 -7.66 0.22 16.98
CA TYR B 176 -6.23 -0.03 16.99
C TYR B 176 -5.51 0.92 17.94
N GLU B 177 -4.72 0.35 18.85
CA GLU B 177 -4.06 1.16 19.88
C GLU B 177 -2.58 0.80 20.02
N VAL B 178 -2.05 1.01 21.22
CA VAL B 178 -0.65 0.74 21.51
C VAL B 178 -0.35 -0.75 21.48
N ASP B 179 0.83 -1.12 20.98
CA ASP B 179 1.20 -2.51 20.85
C ASP B 179 2.01 -3.02 22.04
N GLU B 180 1.98 -4.32 22.25
CA GLU B 180 2.58 -4.92 23.44
C GLU B 180 4.05 -5.21 23.27
N ASP B 181 4.61 -5.96 24.23
CA ASP B 181 6.02 -6.32 24.22
C ASP B 181 6.31 -7.40 23.19
N ILE B 182 6.30 -7.02 21.92
CA ILE B 182 6.64 -7.94 20.83
C ILE B 182 8.13 -7.82 20.52
N PHE B 183 8.87 -7.21 21.43
CA PHE B 183 10.29 -6.96 21.24
C PHE B 183 11.15 -8.05 21.88
N ARG B 184 10.50 -9.00 22.55
CA ARG B 184 11.21 -10.11 23.17
C ARG B 184 11.85 -11.01 22.12
N LYS B 185 13.09 -11.42 22.37
CA LYS B 185 13.86 -12.22 21.42
C LYS B 185 13.22 -13.56 21.13
N LYS B 186 13.68 -14.19 20.04
CA LYS B 186 13.15 -15.46 19.58
C LYS B 186 11.63 -15.37 19.38
N ARG B 187 11.18 -14.31 18.72
CA ARG B 187 9.76 -14.11 18.50
C ARG B 187 9.50 -13.29 17.24
N LEU B 188 8.94 -13.94 16.23
CA LEU B 188 8.55 -13.27 15.00
C LEU B 188 7.10 -12.83 15.10
N THR B 189 6.83 -11.58 14.78
CA THR B 189 5.49 -11.03 14.91
C THR B 189 4.94 -10.56 13.56
N ILE B 190 3.85 -11.19 13.11
CA ILE B 190 3.21 -10.81 11.86
C ILE B 190 2.02 -9.89 12.11
N MET B 191 2.01 -8.74 11.44
CA MET B 191 0.91 -7.80 11.56
C MET B 191 0.08 -7.75 10.27
N ASP B 192 -1.17 -8.18 10.36
CA ASP B 192 -2.09 -8.11 9.22
C ASP B 192 -2.65 -6.71 9.07
N LEU B 193 -1.78 -5.77 8.71
CA LEU B 193 -2.15 -4.35 8.62
C LEU B 193 -2.68 -4.00 7.24
N HIS B 194 -3.98 -3.66 7.19
CA HIS B 194 -4.63 -3.29 5.94
C HIS B 194 -4.61 -1.78 5.74
N PRO B 195 -4.45 -1.33 4.48
CA PRO B 195 -4.46 0.08 4.12
C PRO B 195 -5.83 0.72 4.31
N GLY B 196 -5.93 1.80 5.08
CA GLY B 196 -4.77 2.36 5.76
C GLY B 196 -5.01 2.45 7.26
N ALA B 197 -4.47 1.47 7.99
CA ALA B 197 -4.66 1.41 9.43
C ALA B 197 -3.64 2.25 10.20
N GLY B 198 -3.06 3.22 9.51
CA GLY B 198 -2.03 4.06 10.11
C GLY B 198 -0.75 3.28 10.33
N LYS B 199 -0.47 2.36 9.41
CA LYS B 199 0.72 1.53 9.47
C LYS B 199 1.99 2.37 9.47
N THR B 200 2.02 3.38 8.61
CA THR B 200 3.21 4.20 8.43
C THR B 200 3.17 5.46 9.30
N LYS B 201 1.98 6.03 9.45
CA LYS B 201 1.82 7.29 10.16
C LYS B 201 1.74 7.13 11.68
N ARG B 202 1.19 6.01 12.14
CA ARG B 202 0.90 5.84 13.55
C ARG B 202 1.67 4.67 14.19
N ILE B 203 1.52 3.49 13.62
CA ILE B 203 2.05 2.27 14.22
C ILE B 203 3.57 2.19 14.18
N LEU B 204 4.14 2.28 12.97
CA LEU B 204 5.59 2.19 12.82
C LEU B 204 6.39 3.20 13.67
N PRO B 205 5.97 4.48 13.69
CA PRO B 205 6.72 5.39 14.57
C PRO B 205 6.58 5.05 16.05
N SER B 206 5.42 4.50 16.43
CA SER B 206 5.19 4.11 17.82
C SER B 206 6.09 2.95 18.21
N ILE B 207 6.25 2.00 17.29
CA ILE B 207 7.13 0.85 17.50
C ILE B 207 8.58 1.32 17.62
N VAL B 208 8.98 2.22 16.74
CA VAL B 208 10.34 2.78 16.76
C VAL B 208 10.61 3.52 18.07
N ARG B 209 9.64 4.30 18.52
CA ARG B 209 9.78 5.05 19.77
C ARG B 209 10.00 4.12 20.96
N GLU B 210 9.21 3.05 21.03
CA GLU B 210 9.33 2.07 22.11
C GLU B 210 10.66 1.33 22.03
N ALA B 211 11.10 1.06 20.80
CA ALA B 211 12.38 0.39 20.57
C ALA B 211 13.54 1.25 21.08
N LEU B 212 13.41 2.56 20.89
CA LEU B 212 14.44 3.50 21.34
C LEU B 212 14.40 3.68 22.85
N LYS B 213 13.22 3.52 23.44
CA LYS B 213 13.09 3.58 24.89
C LYS B 213 13.77 2.38 25.53
N ARG B 214 13.80 1.27 24.82
CA ARG B 214 14.43 0.05 25.31
C ARG B 214 15.88 -0.06 24.85
N ARG B 215 16.36 0.99 24.21
CA ARG B 215 17.73 1.08 23.71
C ARG B 215 18.08 -0.12 22.83
N LEU B 216 17.41 -0.21 21.68
CA LEU B 216 17.59 -1.34 20.78
C LEU B 216 18.20 -0.93 19.45
N ARG B 217 19.07 -1.78 18.92
CA ARG B 217 19.61 -1.59 17.58
C ARG B 217 18.54 -1.97 16.56
N THR B 218 17.64 -1.03 16.27
CA THR B 218 16.48 -1.29 15.42
C THR B 218 16.82 -1.20 13.95
N LEU B 219 16.29 -2.14 13.17
CA LEU B 219 16.44 -2.11 11.71
C LEU B 219 15.08 -2.00 11.04
N ILE B 220 14.96 -1.05 10.10
CA ILE B 220 13.72 -0.87 9.36
C ILE B 220 13.93 -1.16 7.88
N LEU B 221 13.21 -2.15 7.36
CA LEU B 221 13.37 -2.57 5.98
C LEU B 221 12.17 -2.23 5.12
N ALA B 222 12.34 -1.25 4.24
CA ALA B 222 11.28 -0.83 3.33
C ALA B 222 11.49 -1.43 1.94
N PRO B 223 10.41 -1.83 1.26
CA PRO B 223 10.48 -2.48 -0.04
C PRO B 223 11.15 -1.62 -1.11
N THR B 224 10.77 -0.35 -1.17
CA THR B 224 11.36 0.59 -2.12
C THR B 224 11.79 1.87 -1.41
N ARG B 225 12.57 2.69 -2.09
CA ARG B 225 13.06 3.92 -1.48
C ARG B 225 11.93 4.93 -1.26
N VAL B 226 10.97 4.96 -2.18
CA VAL B 226 9.85 5.88 -2.06
C VAL B 226 9.06 5.61 -0.80
N VAL B 227 8.97 4.34 -0.42
CA VAL B 227 8.34 3.94 0.83
C VAL B 227 9.22 4.35 2.00
N ALA B 228 10.52 4.13 1.85
CA ALA B 228 11.50 4.51 2.87
C ALA B 228 11.49 6.02 3.09
N ALA B 229 11.25 6.76 2.02
CA ALA B 229 11.17 8.21 2.09
C ALA B 229 9.89 8.64 2.82
N GLU B 230 8.83 7.88 2.62
CA GLU B 230 7.58 8.13 3.33
C GLU B 230 7.72 7.80 4.81
N MET B 231 8.64 6.91 5.12
CA MET B 231 8.91 6.52 6.50
C MET B 231 9.73 7.58 7.23
N GLU B 232 10.83 8.00 6.62
CA GLU B 232 11.71 9.00 7.22
C GLU B 232 10.98 10.33 7.37
N GLU B 233 9.91 10.51 6.60
CA GLU B 233 9.03 11.66 6.76
C GLU B 233 8.07 11.41 7.92
N ALA B 234 7.60 10.17 8.02
CA ALA B 234 6.72 9.77 9.11
C ALA B 234 7.50 9.61 10.41
N LEU B 235 8.80 9.36 10.28
CA LEU B 235 9.67 9.22 11.44
C LEU B 235 10.41 10.53 11.73
N ARG B 236 9.83 11.64 11.31
CA ARG B 236 10.43 12.96 11.51
C ARG B 236 10.62 13.24 13.00
N GLY B 237 11.80 13.75 13.36
CA GLY B 237 12.14 14.00 14.74
C GLY B 237 12.96 12.86 15.33
N LEU B 238 12.58 11.63 14.99
CA LEU B 238 13.29 10.45 15.47
C LEU B 238 14.62 10.27 14.77
N PRO B 239 15.63 9.76 15.49
CA PRO B 239 16.97 9.54 14.94
C PRO B 239 16.98 8.38 13.94
N ILE B 240 16.71 8.68 12.67
CA ILE B 240 16.67 7.66 11.63
C ILE B 240 17.70 7.93 10.53
N ARG B 241 18.53 6.94 10.26
CA ARG B 241 19.57 7.08 9.24
C ARG B 241 19.28 6.18 8.04
N TYR B 242 18.96 6.80 6.90
CA TYR B 242 18.75 6.05 5.68
C TYR B 242 20.08 5.58 5.10
N GLN B 243 20.15 4.30 4.74
CA GLN B 243 21.39 3.69 4.29
C GLN B 243 21.40 3.48 2.77
N THR B 244 22.55 3.75 2.17
CA THR B 244 22.73 3.62 0.73
C THR B 244 23.45 2.32 0.40
N PRO B 245 22.99 1.61 -0.66
CA PRO B 245 23.67 0.39 -1.11
C PRO B 245 25.09 0.64 -1.62
N ALA B 246 25.48 1.91 -1.74
CA ALA B 246 26.84 2.27 -2.10
C ALA B 246 27.77 2.06 -0.90
N VAL B 247 27.18 2.02 0.29
CA VAL B 247 27.94 1.79 1.51
C VAL B 247 27.73 0.35 1.99
N LYS B 248 28.84 -0.38 2.12
CA LYS B 248 28.77 -1.79 2.53
C LYS B 248 28.38 -1.92 4.00
N SER B 249 28.85 -0.98 4.82
CA SER B 249 28.48 -0.95 6.23
C SER B 249 28.81 0.41 6.84
N GLU B 250 27.94 0.86 7.75
CA GLU B 250 28.13 2.14 8.42
C GLU B 250 27.74 2.03 9.89
N HIS B 251 28.64 2.43 10.77
CA HIS B 251 28.44 2.22 12.20
C HIS B 251 28.71 3.49 13.01
N THR B 252 27.94 3.67 14.08
CA THR B 252 28.10 4.81 14.96
C THR B 252 27.74 4.42 16.40
N GLY B 253 28.44 5.02 17.36
CA GLY B 253 28.20 4.77 18.76
C GLY B 253 27.01 5.51 19.32
N ARG B 254 26.76 6.72 18.82
CA ARG B 254 25.53 7.43 19.16
C ARG B 254 24.39 6.72 18.46
N GLU B 255 24.01 5.58 19.02
CA GLU B 255 23.14 4.60 18.38
C GLU B 255 21.82 5.17 17.84
N ILE B 256 21.69 5.09 16.53
CA ILE B 256 20.47 5.49 15.83
C ILE B 256 19.66 4.27 15.42
N VAL B 257 18.77 4.46 14.44
CA VAL B 257 18.02 3.36 13.85
C VAL B 257 18.28 3.27 12.35
N ASP B 258 18.70 2.10 11.89
CA ASP B 258 19.03 1.89 10.48
C ASP B 258 17.80 1.63 9.63
N LEU B 259 17.57 2.51 8.66
CA LEU B 259 16.47 2.35 7.71
C LEU B 259 17.03 2.14 6.31
N MET B 260 16.74 0.99 5.72
CA MET B 260 17.27 0.66 4.40
C MET B 260 16.31 -0.23 3.62
N CYS B 261 16.56 -0.35 2.32
CA CYS B 261 15.76 -1.21 1.46
C CYS B 261 16.12 -2.68 1.67
N HIS B 262 15.24 -3.56 1.19
CA HIS B 262 15.45 -4.99 1.30
C HIS B 262 16.71 -5.43 0.57
N ALA B 263 16.85 -4.95 -0.67
CA ALA B 263 17.99 -5.29 -1.51
C ALA B 263 19.30 -4.80 -0.89
N THR B 264 19.24 -3.63 -0.28
CA THR B 264 20.40 -3.06 0.41
C THR B 264 20.84 -3.97 1.54
N PHE B 265 19.87 -4.46 2.31
CA PHE B 265 20.13 -5.34 3.43
C PHE B 265 20.77 -6.65 2.97
N THR B 266 20.29 -7.17 1.84
CA THR B 266 20.78 -8.45 1.34
C THR B 266 22.19 -8.34 0.79
N THR B 267 22.45 -7.25 0.05
CA THR B 267 23.75 -7.04 -0.56
C THR B 267 24.82 -6.77 0.50
N ARG B 268 24.43 -6.11 1.58
CA ARG B 268 25.35 -5.85 2.68
C ARG B 268 25.72 -7.15 3.38
N LEU B 269 24.79 -8.10 3.40
CA LEU B 269 25.07 -9.42 3.94
C LEU B 269 26.02 -10.18 3.03
N LEU B 270 26.03 -9.80 1.75
CA LEU B 270 26.87 -10.48 0.76
C LEU B 270 28.22 -9.78 0.55
N SER B 271 28.35 -8.58 1.11
CA SER B 271 29.52 -7.76 0.83
C SER B 271 30.30 -7.36 2.09
N SER B 272 29.80 -7.74 3.26
CA SER B 272 30.46 -7.35 4.51
C SER B 272 30.20 -8.32 5.66
N THR B 273 31.26 -8.63 6.40
CA THR B 273 31.15 -9.42 7.61
C THR B 273 30.87 -8.51 8.80
N ARG B 274 30.89 -7.20 8.54
CA ARG B 274 30.65 -6.20 9.57
C ARG B 274 29.16 -5.94 9.79
N VAL B 275 28.33 -6.90 9.41
CA VAL B 275 26.89 -6.76 9.58
C VAL B 275 26.50 -6.73 11.05
N PRO B 276 25.80 -5.66 11.47
CA PRO B 276 25.37 -5.50 12.86
C PRO B 276 24.39 -6.58 13.28
N ASN B 277 24.46 -6.99 14.55
CA ASN B 277 23.52 -7.98 15.07
C ASN B 277 22.31 -7.30 15.70
N TYR B 278 21.44 -6.78 14.83
CA TYR B 278 20.21 -6.10 15.26
C TYR B 278 19.37 -7.01 16.15
N ASN B 279 18.74 -6.43 17.17
CA ASN B 279 17.91 -7.20 18.08
C ASN B 279 16.43 -7.00 17.78
N LEU B 280 16.13 -6.04 16.91
CA LEU B 280 14.77 -5.82 16.44
C LEU B 280 14.77 -5.46 14.96
N ILE B 281 14.22 -6.35 14.14
CA ILE B 281 14.14 -6.11 12.71
C ILE B 281 12.69 -5.98 12.27
N VAL B 282 12.38 -4.88 11.60
CA VAL B 282 11.02 -4.60 11.15
C VAL B 282 10.93 -4.51 9.63
N MET B 283 10.45 -5.57 8.99
CA MET B 283 10.30 -5.58 7.54
C MET B 283 8.88 -5.20 7.13
N ASP B 284 8.77 -4.12 6.37
CA ASP B 284 7.48 -3.67 5.87
C ASP B 284 7.20 -4.28 4.50
N GLU B 285 5.93 -4.57 4.24
CA GLU B 285 5.52 -5.25 3.00
C GLU B 285 6.30 -6.54 2.86
N ALA B 286 6.17 -7.42 3.84
CA ALA B 286 6.95 -8.65 3.90
C ALA B 286 6.44 -9.72 2.96
N HIS B 287 5.39 -9.41 2.20
CA HIS B 287 4.83 -10.34 1.24
C HIS B 287 5.60 -10.29 -0.08
N PHE B 288 6.60 -9.42 -0.13
CA PHE B 288 7.39 -9.21 -1.34
C PHE B 288 8.06 -10.51 -1.80
N THR B 289 7.90 -10.82 -3.08
CA THR B 289 8.40 -12.08 -3.62
C THR B 289 9.70 -11.89 -4.39
N ASP B 290 10.25 -10.69 -4.33
CA ASP B 290 11.55 -10.41 -4.92
C ASP B 290 12.61 -11.18 -4.15
N PRO B 291 13.55 -11.83 -4.88
CA PRO B 291 14.58 -12.72 -4.33
C PRO B 291 15.32 -12.12 -3.14
N CYS B 292 15.62 -10.82 -3.21
CA CYS B 292 16.29 -10.12 -2.13
C CYS B 292 15.45 -10.11 -0.86
N SER B 293 14.16 -9.87 -1.03
CA SER B 293 13.24 -9.77 0.09
C SER B 293 13.00 -11.13 0.72
N VAL B 294 12.85 -12.15 -0.12
CA VAL B 294 12.67 -13.51 0.37
C VAL B 294 13.90 -13.98 1.14
N ALA B 295 15.08 -13.70 0.59
CA ALA B 295 16.34 -14.08 1.24
C ALA B 295 16.49 -13.36 2.58
N ALA B 296 16.05 -12.10 2.62
CA ALA B 296 16.10 -11.32 3.84
C ALA B 296 15.21 -11.93 4.91
N ARG B 297 14.01 -12.36 4.49
CA ARG B 297 13.08 -13.02 5.41
C ARG B 297 13.69 -14.28 5.99
N GLY B 298 14.34 -15.08 5.15
CA GLY B 298 14.98 -16.29 5.59
C GLY B 298 16.10 -16.03 6.59
N TYR B 299 16.90 -15.01 6.31
CA TYR B 299 18.00 -14.64 7.18
C TYR B 299 17.50 -14.10 8.52
N ILE B 300 16.53 -13.19 8.47
CA ILE B 300 15.95 -12.61 9.67
C ILE B 300 15.33 -13.69 10.54
N SER B 301 14.54 -14.57 9.93
CA SER B 301 13.93 -15.69 10.63
C SER B 301 14.99 -16.55 11.32
N THR B 302 16.11 -16.73 10.63
CA THR B 302 17.24 -17.49 11.17
C THR B 302 17.82 -16.79 12.40
N ARG B 303 17.99 -15.48 12.31
CA ARG B 303 18.53 -14.69 13.41
C ARG B 303 17.57 -14.66 14.60
N VAL B 304 16.28 -14.88 14.32
CA VAL B 304 15.27 -14.96 15.37
C VAL B 304 15.38 -16.30 16.11
N GLU B 305 15.50 -17.38 15.35
CA GLU B 305 15.62 -18.71 15.93
C GLU B 305 16.87 -18.80 16.80
N MET B 306 17.91 -18.06 16.42
CA MET B 306 19.15 -18.00 17.18
C MET B 306 18.91 -17.35 18.54
N GLY B 307 17.89 -16.51 18.61
CA GLY B 307 17.56 -15.82 19.84
C GLY B 307 18.44 -14.60 20.06
N GLU B 308 18.73 -13.88 18.99
CA GLU B 308 19.54 -12.68 19.06
C GLU B 308 18.76 -11.47 18.52
N ALA B 309 17.52 -11.72 18.11
CA ALA B 309 16.70 -10.67 17.52
C ALA B 309 15.21 -10.99 17.60
N ALA B 310 14.40 -9.93 17.64
CA ALA B 310 12.95 -10.06 17.52
C ALA B 310 12.52 -9.48 16.17
N ALA B 311 11.56 -10.14 15.52
CA ALA B 311 11.15 -9.72 14.18
C ALA B 311 9.72 -9.21 14.13
N ILE B 312 9.49 -8.27 13.21
CA ILE B 312 8.15 -7.77 12.93
C ILE B 312 7.92 -7.69 11.42
N PHE B 313 7.09 -8.58 10.90
CA PHE B 313 6.76 -8.57 9.48
C PHE B 313 5.39 -7.95 9.25
N MET B 314 5.37 -6.78 8.60
CA MET B 314 4.12 -6.09 8.34
C MET B 314 3.66 -6.26 6.89
N THR B 315 2.45 -6.79 6.72
CA THR B 315 1.88 -6.99 5.39
C THR B 315 0.37 -7.21 5.48
N ALA B 316 -0.36 -6.72 4.48
CA ALA B 316 -1.81 -6.87 4.44
C ALA B 316 -2.18 -8.30 4.03
N THR B 317 -1.25 -8.97 3.36
CA THR B 317 -1.47 -10.34 2.91
C THR B 317 -0.34 -11.25 3.36
N PRO B 318 -0.42 -11.75 4.61
CA PRO B 318 0.57 -12.70 5.13
C PRO B 318 0.59 -13.98 4.32
N PRO B 319 1.72 -14.71 4.32
CA PRO B 319 1.89 -15.94 3.54
C PRO B 319 0.87 -17.03 3.87
N GLY B 320 -0.04 -16.77 4.81
CA GLY B 320 -1.09 -17.72 5.14
C GLY B 320 -2.48 -17.17 4.94
N SER B 321 -2.69 -16.50 3.80
CA SER B 321 -4.01 -15.96 3.45
C SER B 321 -4.18 -15.98 1.93
N ILE B 322 -5.43 -16.11 1.47
CA ILE B 322 -5.73 -16.30 0.06
C ILE B 322 -6.92 -15.41 -0.36
N ASP B 323 -7.44 -14.61 0.56
CA ASP B 323 -8.58 -13.73 0.27
C ASP B 323 -8.19 -12.55 -0.63
N PRO B 324 -8.71 -12.53 -1.87
CA PRO B 324 -8.41 -11.46 -2.83
C PRO B 324 -9.34 -10.27 -2.67
N PHE B 325 -10.28 -10.37 -1.74
CA PHE B 325 -11.17 -9.25 -1.43
C PHE B 325 -11.15 -8.95 0.07
N PRO B 326 -10.02 -8.49 0.60
CA PRO B 326 -9.92 -8.27 2.04
C PRO B 326 -10.72 -7.05 2.50
N GLN B 327 -11.08 -7.04 3.78
CA GLN B 327 -11.80 -5.92 4.36
C GLN B 327 -10.92 -4.67 4.36
N SER B 328 -11.43 -3.57 3.80
CA SER B 328 -10.63 -2.35 3.69
C SER B 328 -11.23 -1.22 4.53
N ASN B 329 -10.57 -0.06 4.50
CA ASN B 329 -10.99 1.10 5.28
C ASN B 329 -12.30 1.67 4.77
N SER B 330 -12.32 2.01 3.48
CA SER B 330 -13.52 2.51 2.83
C SER B 330 -14.14 1.41 1.97
N PRO B 331 -15.48 1.43 1.85
CA PRO B 331 -16.21 0.40 1.09
C PRO B 331 -15.74 0.27 -0.35
N ILE B 332 -15.60 -0.97 -0.82
CA ILE B 332 -15.13 -1.23 -2.17
C ILE B 332 -16.20 -1.93 -3.01
N GLU B 333 -16.38 -1.45 -4.23
CA GLU B 333 -17.35 -2.03 -5.15
C GLU B 333 -16.67 -2.99 -6.12
N ASP B 334 -16.76 -4.28 -5.84
CA ASP B 334 -16.09 -5.29 -6.66
C ASP B 334 -16.90 -5.65 -7.90
N ILE B 335 -16.35 -5.32 -9.07
CA ILE B 335 -17.05 -5.52 -10.33
C ILE B 335 -16.29 -6.45 -11.28
N GLU B 336 -16.90 -7.58 -11.61
CA GLU B 336 -16.28 -8.51 -12.55
C GLU B 336 -16.86 -8.34 -13.95
N ARG B 337 -16.01 -7.93 -14.88
CA ARG B 337 -16.38 -7.80 -16.28
C ARG B 337 -15.12 -7.90 -17.13
N GLU B 338 -15.24 -8.38 -18.36
CA GLU B 338 -14.07 -8.62 -19.20
C GLU B 338 -13.33 -7.31 -19.47
N ILE B 339 -12.01 -7.41 -19.53
CA ILE B 339 -11.14 -6.23 -19.65
C ILE B 339 -10.24 -6.37 -20.87
N PRO B 340 -10.12 -5.29 -21.66
CA PRO B 340 -9.24 -5.24 -22.83
C PRO B 340 -7.82 -5.69 -22.51
N GLU B 341 -7.28 -6.57 -23.34
CA GLU B 341 -5.91 -7.06 -23.17
C GLU B 341 -4.99 -6.33 -24.13
N ARG B 342 -5.57 -5.86 -25.23
CA ARG B 342 -4.85 -5.08 -26.22
C ARG B 342 -5.62 -3.80 -26.52
N SER B 343 -5.29 -3.16 -27.63
CA SER B 343 -6.04 -2.00 -28.09
C SER B 343 -7.45 -2.42 -28.47
N TRP B 344 -8.43 -1.61 -28.09
CA TRP B 344 -9.82 -1.92 -28.41
C TRP B 344 -10.43 -0.83 -29.30
N ASN B 345 -11.39 -1.23 -30.14
CA ASN B 345 -12.07 -0.28 -31.02
C ASN B 345 -13.29 0.32 -30.33
N THR B 346 -14.33 -0.48 -30.17
CA THR B 346 -15.56 -0.02 -29.52
C THR B 346 -16.07 -1.05 -28.51
N GLY B 347 -17.08 -0.66 -27.74
CA GLY B 347 -17.69 -1.58 -26.79
C GLY B 347 -17.47 -1.22 -25.33
N PHE B 348 -16.20 -1.04 -24.95
CA PHE B 348 -15.86 -0.75 -23.57
C PHE B 348 -15.98 0.74 -23.26
N ASP B 349 -17.21 1.25 -23.30
CA ASP B 349 -17.47 2.65 -22.99
C ASP B 349 -17.38 2.90 -21.49
N TRP B 350 -17.54 1.84 -20.70
CA TRP B 350 -17.53 1.96 -19.25
C TRP B 350 -16.16 2.41 -18.72
N ILE B 351 -15.12 2.13 -19.50
CA ILE B 351 -13.76 2.51 -19.11
C ILE B 351 -13.57 4.02 -19.12
N THR B 352 -13.98 4.65 -20.23
CA THR B 352 -13.72 6.07 -20.44
C THR B 352 -14.81 6.99 -19.88
N ASP B 353 -16.01 6.45 -19.68
CA ASP B 353 -17.11 7.24 -19.12
C ASP B 353 -16.84 7.65 -17.68
N TYR B 354 -15.98 6.91 -17.00
CA TYR B 354 -15.58 7.22 -15.63
C TYR B 354 -14.82 8.53 -15.58
N GLN B 355 -15.14 9.38 -14.61
CA GLN B 355 -14.60 10.74 -14.55
C GLN B 355 -13.47 10.92 -13.54
N GLY B 356 -13.40 10.02 -12.56
CA GLY B 356 -12.34 10.09 -11.57
C GLY B 356 -11.03 9.56 -12.11
N LYS B 357 -10.03 9.47 -11.23
CA LYS B 357 -8.74 8.92 -11.61
C LYS B 357 -8.78 7.39 -11.57
N THR B 358 -7.95 6.76 -12.40
CA THR B 358 -7.99 5.31 -12.55
C THR B 358 -6.60 4.68 -12.57
N VAL B 359 -6.46 3.55 -11.89
CA VAL B 359 -5.23 2.77 -11.87
C VAL B 359 -5.44 1.44 -12.60
N TRP B 360 -4.53 1.10 -13.50
CA TRP B 360 -4.69 -0.10 -14.33
C TRP B 360 -3.43 -0.96 -14.29
N PHE B 361 -3.59 -2.22 -13.88
CA PHE B 361 -2.46 -3.13 -13.77
C PHE B 361 -2.31 -4.03 -14.99
N VAL B 362 -1.18 -3.88 -15.68
CA VAL B 362 -0.87 -4.69 -16.86
C VAL B 362 0.21 -5.73 -16.54
N PRO B 363 0.22 -6.85 -17.27
CA PRO B 363 1.25 -7.86 -17.06
C PRO B 363 2.65 -7.41 -17.49
N SER B 364 2.75 -6.75 -18.63
CA SER B 364 4.04 -6.33 -19.16
C SER B 364 4.09 -4.85 -19.52
N ILE B 365 5.29 -4.35 -19.78
CA ILE B 365 5.49 -2.96 -20.15
C ILE B 365 4.99 -2.71 -21.58
N LYS B 366 5.10 -3.71 -22.43
CA LYS B 366 4.67 -3.59 -23.82
C LYS B 366 3.15 -3.56 -23.94
N ALA B 367 2.49 -4.46 -23.21
CA ALA B 367 1.03 -4.49 -23.17
C ALA B 367 0.50 -3.19 -22.57
N GLY B 368 1.24 -2.66 -21.60
CA GLY B 368 0.89 -1.39 -20.98
C GLY B 368 0.98 -0.25 -21.97
N ASN B 369 2.01 -0.27 -22.82
CA ASN B 369 2.18 0.73 -23.85
C ASN B 369 1.02 0.71 -24.84
N ASP B 370 0.58 -0.50 -25.18
CA ASP B 370 -0.54 -0.68 -26.10
C ASP B 370 -1.82 -0.11 -25.51
N ILE B 371 -2.05 -0.41 -24.24
CA ILE B 371 -3.23 0.09 -23.54
C ILE B 371 -3.17 1.61 -23.40
N ALA B 372 -2.02 2.13 -23.01
CA ALA B 372 -1.84 3.56 -22.80
C ALA B 372 -2.09 4.37 -24.07
N ASN B 373 -1.59 3.86 -25.20
CA ASN B 373 -1.77 4.55 -26.47
C ASN B 373 -3.23 4.57 -26.91
N CYS B 374 -3.92 3.45 -26.69
CA CYS B 374 -5.33 3.36 -27.02
C CYS B 374 -6.15 4.27 -26.11
N LEU B 375 -5.62 4.55 -24.93
CA LEU B 375 -6.28 5.45 -23.98
C LEU B 375 -6.07 6.92 -24.36
N ARG B 376 -4.86 7.25 -24.78
CA ARG B 376 -4.54 8.62 -25.14
C ARG B 376 -5.20 9.03 -26.45
N LYS B 377 -5.56 8.04 -27.26
CA LYS B 377 -6.30 8.30 -28.49
C LYS B 377 -7.66 8.91 -28.16
N SER B 378 -8.17 8.60 -26.97
CA SER B 378 -9.51 9.03 -26.57
C SER B 378 -9.49 10.33 -25.77
N GLY B 379 -8.31 10.91 -25.57
CA GLY B 379 -8.21 12.18 -24.89
C GLY B 379 -7.58 12.12 -23.51
N LYS B 380 -7.74 10.98 -22.84
CA LYS B 380 -7.18 10.79 -21.50
C LYS B 380 -5.66 10.85 -21.52
N LYS B 381 -5.08 11.36 -20.43
CA LYS B 381 -3.63 11.44 -20.32
C LYS B 381 -3.13 10.42 -19.31
N VAL B 382 -2.21 9.57 -19.74
CA VAL B 382 -1.79 8.40 -18.96
C VAL B 382 -0.34 8.51 -18.46
N ILE B 383 -0.14 8.19 -17.20
CA ILE B 383 1.20 8.03 -16.65
C ILE B 383 1.56 6.55 -16.61
N GLN B 384 2.72 6.21 -17.16
CA GLN B 384 3.14 4.81 -17.22
C GLN B 384 4.17 4.49 -16.14
N LEU B 385 4.01 3.34 -15.51
CA LEU B 385 4.88 2.93 -14.41
C LEU B 385 5.46 1.53 -14.63
N SER B 386 6.74 1.39 -14.28
CA SER B 386 7.41 0.09 -14.35
C SER B 386 8.42 -0.03 -13.20
N ARG B 387 9.21 -1.09 -13.22
CA ARG B 387 10.16 -1.35 -12.12
C ARG B 387 11.35 -0.40 -12.17
N LYS B 388 11.81 -0.06 -13.37
CA LYS B 388 13.02 0.74 -13.53
C LYS B 388 12.73 2.15 -14.03
N THR B 389 11.48 2.57 -13.94
CA THR B 389 11.10 3.94 -14.28
C THR B 389 10.24 4.52 -13.17
N PHE B 390 10.15 3.80 -12.07
CA PHE B 390 9.24 4.15 -10.98
C PHE B 390 9.63 5.46 -10.29
N ASP B 391 10.91 5.60 -9.94
CA ASP B 391 11.38 6.80 -9.25
C ASP B 391 11.32 8.04 -10.13
N THR B 392 11.09 7.84 -11.42
CA THR B 392 11.01 8.93 -12.38
C THR B 392 9.56 9.35 -12.62
N GLU B 393 8.66 8.38 -12.57
CA GLU B 393 7.27 8.60 -12.95
C GLU B 393 6.29 8.69 -11.77
N TYR B 394 6.59 8.00 -10.68
CA TYR B 394 5.71 7.99 -9.51
C TYR B 394 5.48 9.38 -8.87
N PRO B 395 6.55 10.20 -8.73
CA PRO B 395 6.31 11.54 -8.17
C PRO B 395 5.37 12.38 -9.03
N LYS B 396 5.29 12.08 -10.33
CA LYS B 396 4.35 12.76 -11.21
C LYS B 396 2.93 12.44 -10.81
N THR B 397 2.69 11.20 -10.41
CA THR B 397 1.35 10.74 -10.03
C THR B 397 0.80 11.51 -8.83
N LYS B 398 1.68 12.23 -8.12
CA LYS B 398 1.27 13.09 -7.03
C LYS B 398 1.13 14.53 -7.51
N LEU B 399 2.21 15.06 -8.08
CA LEU B 399 2.23 16.45 -8.56
C LEU B 399 1.29 16.65 -9.75
N THR B 400 1.58 15.96 -10.85
CA THR B 400 0.77 16.05 -12.06
C THR B 400 -0.65 15.55 -11.80
N ASP B 401 -1.63 16.21 -12.41
CA ASP B 401 -3.01 15.71 -12.38
C ASP B 401 -3.26 14.86 -13.60
N TRP B 402 -3.57 13.59 -13.37
CA TRP B 402 -3.63 12.58 -14.42
C TRP B 402 -4.97 11.87 -14.45
N ASP B 403 -5.29 11.24 -15.59
CA ASP B 403 -6.56 10.56 -15.74
C ASP B 403 -6.40 9.05 -15.59
N PHE B 404 -5.24 8.54 -15.97
CA PHE B 404 -4.98 7.10 -15.90
C PHE B 404 -3.54 6.79 -15.48
N VAL B 405 -3.36 5.61 -14.89
CA VAL B 405 -2.03 5.11 -14.54
C VAL B 405 -1.92 3.64 -14.91
N VAL B 406 -1.03 3.33 -15.83
CA VAL B 406 -0.81 1.96 -16.27
C VAL B 406 0.47 1.41 -15.63
N THR B 407 0.36 0.25 -14.98
CA THR B 407 1.45 -0.24 -14.13
C THR B 407 1.64 -1.74 -14.20
N THR B 408 2.89 -2.17 -14.05
CA THR B 408 3.21 -3.59 -13.84
C THR B 408 3.02 -3.93 -12.35
N ASP B 409 3.58 -5.07 -11.94
CA ASP B 409 3.40 -5.54 -10.56
C ASP B 409 4.09 -4.66 -9.51
N ILE B 410 4.88 -3.68 -9.96
CA ILE B 410 5.69 -2.87 -9.07
C ILE B 410 4.86 -2.05 -8.08
N SER B 411 3.61 -1.78 -8.42
CA SER B 411 2.75 -0.96 -7.57
C SER B 411 2.03 -1.74 -6.47
N GLU B 412 2.20 -3.05 -6.45
CA GLU B 412 1.57 -3.87 -5.42
C GLU B 412 2.17 -3.58 -4.05
N MET B 413 3.41 -3.11 -4.04
CA MET B 413 4.14 -2.87 -2.79
C MET B 413 4.27 -1.38 -2.47
N GLY B 414 3.56 -0.93 -1.45
CA GLY B 414 3.70 0.41 -0.92
C GLY B 414 3.52 1.56 -1.90
N ALA B 415 2.72 1.34 -2.95
CA ALA B 415 2.46 2.40 -3.92
C ALA B 415 1.07 3.00 -3.70
N ASN B 416 1.04 4.19 -3.13
CA ASN B 416 -0.24 4.86 -2.83
C ASN B 416 -0.69 5.80 -3.93
N PHE B 417 -2.00 5.88 -4.12
CA PHE B 417 -2.59 6.76 -5.13
C PHE B 417 -3.80 7.48 -4.58
N ARG B 418 -4.27 8.49 -5.33
CA ARG B 418 -5.46 9.23 -4.94
C ARG B 418 -6.61 8.96 -5.92
N ALA B 419 -6.52 7.82 -6.60
CA ALA B 419 -7.54 7.43 -7.58
C ALA B 419 -8.77 6.84 -6.91
N GLY B 420 -9.73 6.41 -7.72
CA GLY B 420 -10.98 5.87 -7.20
C GLY B 420 -11.38 4.55 -7.83
N ARG B 421 -10.66 4.14 -8.86
CA ARG B 421 -10.96 2.88 -9.54
C ARG B 421 -9.70 2.12 -9.95
N VAL B 422 -9.70 0.81 -9.70
CA VAL B 422 -8.62 -0.05 -10.13
C VAL B 422 -9.10 -1.05 -11.17
N ILE B 423 -8.47 -1.02 -12.34
CA ILE B 423 -8.76 -1.97 -13.40
C ILE B 423 -7.71 -3.08 -13.40
N ASP B 424 -8.12 -4.29 -13.07
CA ASP B 424 -7.18 -5.37 -12.83
C ASP B 424 -7.58 -6.66 -13.53
N PRO B 425 -7.00 -6.90 -14.72
CA PRO B 425 -7.24 -8.14 -15.47
C PRO B 425 -6.70 -9.37 -14.73
N ARG B 426 -5.95 -9.13 -13.66
CA ARG B 426 -5.33 -10.17 -12.86
C ARG B 426 -4.42 -11.06 -13.70
N ARG B 427 -3.72 -10.45 -14.65
CA ARG B 427 -2.75 -11.14 -15.47
C ARG B 427 -1.35 -10.62 -15.16
N CYS B 428 -0.35 -11.50 -15.22
CA CYS B 428 1.02 -11.09 -14.93
C CYS B 428 2.05 -11.99 -15.63
N LEU B 429 3.30 -11.52 -15.67
CA LEU B 429 4.39 -12.33 -16.19
C LEU B 429 5.18 -12.95 -15.04
N LYS B 430 5.61 -14.19 -15.23
CA LYS B 430 6.32 -14.91 -14.18
C LYS B 430 7.60 -15.55 -14.71
N PRO B 431 8.74 -15.22 -14.07
CA PRO B 431 10.01 -15.85 -14.44
C PRO B 431 10.06 -17.31 -14.01
N VAL B 432 10.36 -18.20 -14.95
CA VAL B 432 10.39 -19.63 -14.68
C VAL B 432 11.68 -20.27 -15.17
N ILE B 433 12.29 -21.09 -14.33
CA ILE B 433 13.51 -21.80 -14.70
C ILE B 433 13.21 -23.18 -15.29
N LEU B 434 13.28 -23.28 -16.61
CA LEU B 434 13.09 -24.55 -17.29
C LEU B 434 14.34 -25.42 -17.17
N THR B 435 14.17 -26.63 -16.68
CA THR B 435 15.29 -27.57 -16.54
C THR B 435 15.30 -28.59 -17.67
N ASP B 436 14.22 -28.62 -18.46
CA ASP B 436 14.12 -29.52 -19.59
C ASP B 436 15.16 -29.16 -20.64
N GLY B 437 16.16 -30.04 -20.81
CA GLY B 437 17.28 -29.74 -21.69
C GLY B 437 18.23 -28.78 -20.99
N PRO B 438 18.83 -27.86 -21.76
CA PRO B 438 19.66 -26.81 -21.17
C PRO B 438 18.83 -25.89 -20.28
N GLU B 439 19.34 -25.57 -19.10
CA GLU B 439 18.59 -24.76 -18.14
C GLU B 439 18.50 -23.30 -18.60
N ARG B 440 17.30 -22.74 -18.54
CA ARG B 440 17.08 -21.36 -18.99
C ARG B 440 15.92 -20.71 -18.24
N VAL B 441 15.96 -19.39 -18.13
CA VAL B 441 14.88 -18.65 -17.49
C VAL B 441 14.01 -17.96 -18.54
N ILE B 442 12.75 -18.35 -18.59
CA ILE B 442 11.79 -17.76 -19.52
C ILE B 442 10.78 -16.90 -18.77
N LEU B 443 9.99 -16.14 -19.52
CA LEU B 443 8.92 -15.34 -18.93
C LEU B 443 7.54 -15.87 -19.32
N ALA B 444 7.04 -16.81 -18.54
CA ALA B 444 5.72 -17.39 -18.78
C ALA B 444 4.64 -16.35 -18.51
N GLY B 445 3.67 -16.24 -19.41
CA GLY B 445 2.58 -15.30 -19.26
C GLY B 445 1.91 -14.88 -20.54
N PRO B 446 0.88 -14.02 -20.45
CA PRO B 446 0.31 -13.47 -19.21
C PRO B 446 -0.48 -14.51 -18.40
N ILE B 447 0.11 -14.96 -17.30
CA ILE B 447 -0.50 -15.93 -16.42
C ILE B 447 -1.19 -15.20 -15.27
N PRO B 448 -2.39 -15.68 -14.88
CA PRO B 448 -3.15 -15.13 -13.75
C PRO B 448 -2.30 -14.94 -12.49
N VAL B 449 -2.59 -13.88 -11.72
CA VAL B 449 -1.80 -13.52 -10.57
C VAL B 449 -2.04 -14.43 -9.36
N THR B 450 -1.36 -14.12 -8.27
CA THR B 450 -1.57 -14.81 -7.00
C THR B 450 -2.66 -14.09 -6.21
N PRO B 451 -3.33 -14.81 -5.29
CA PRO B 451 -4.36 -14.20 -4.45
C PRO B 451 -3.87 -12.97 -3.69
N ALA B 452 -2.64 -13.04 -3.17
CA ALA B 452 -2.05 -11.90 -2.49
C ALA B 452 -1.84 -10.73 -3.44
N SER B 453 -1.43 -11.02 -4.66
CA SER B 453 -1.20 -10.00 -5.67
C SER B 453 -2.50 -9.27 -5.99
N ALA B 454 -3.56 -10.05 -6.23
CA ALA B 454 -4.88 -9.49 -6.53
C ALA B 454 -5.40 -8.66 -5.37
N ALA B 455 -5.12 -9.12 -4.14
CA ALA B 455 -5.52 -8.40 -2.95
C ALA B 455 -4.79 -7.05 -2.83
N GLN B 456 -3.55 -7.02 -3.28
CA GLN B 456 -2.73 -5.82 -3.21
C GLN B 456 -3.13 -4.81 -4.28
N ARG B 457 -3.34 -5.29 -5.51
CA ARG B 457 -3.82 -4.46 -6.60
C ARG B 457 -5.17 -3.84 -6.23
N ARG B 458 -6.02 -4.65 -5.61
CA ARG B 458 -7.31 -4.18 -5.11
C ARG B 458 -7.09 -3.23 -3.94
N GLY B 459 -6.05 -3.51 -3.15
CA GLY B 459 -5.75 -2.74 -1.95
C GLY B 459 -5.28 -1.34 -2.23
N ARG B 460 -5.03 -1.04 -3.50
CA ARG B 460 -4.60 0.30 -3.91
C ARG B 460 -5.73 1.31 -3.73
N ILE B 461 -6.96 0.81 -3.67
CA ILE B 461 -8.13 1.64 -3.37
C ILE B 461 -8.81 1.14 -2.11
N GLY B 462 -9.86 1.85 -1.69
CA GLY B 462 -10.62 1.45 -0.51
C GLY B 462 -10.00 1.90 0.79
N ARG B 463 -9.36 3.06 0.77
CA ARG B 463 -8.78 3.63 1.98
C ARG B 463 -9.11 5.11 2.10
N ASN B 464 -9.22 5.79 0.96
CA ASN B 464 -9.63 7.19 0.94
C ASN B 464 -11.14 7.32 0.78
N PRO B 465 -11.82 7.80 1.83
CA PRO B 465 -13.28 7.93 1.82
C PRO B 465 -13.80 8.99 0.86
N ALA B 466 -14.46 8.56 -0.21
CA ALA B 466 -15.11 9.46 -1.15
C ALA B 466 -16.62 9.25 -1.10
N GLN B 467 -17.37 10.15 -1.74
CA GLN B 467 -18.82 10.04 -1.74
C GLN B 467 -19.25 8.81 -2.52
N GLU B 468 -18.58 8.55 -3.64
CA GLU B 468 -18.81 7.34 -4.42
C GLU B 468 -17.82 6.27 -3.99
N ASP B 469 -18.33 5.06 -3.72
CA ASP B 469 -17.48 3.95 -3.30
C ASP B 469 -16.46 3.60 -4.36
N ASP B 470 -15.25 3.24 -3.93
CA ASP B 470 -14.18 2.89 -4.85
C ASP B 470 -14.49 1.59 -5.59
N GLN B 471 -14.18 1.56 -6.88
CA GLN B 471 -14.52 0.42 -7.72
C GLN B 471 -13.30 -0.44 -8.05
N TYR B 472 -13.30 -1.69 -7.63
CA TYR B 472 -12.26 -2.64 -8.02
C TYR B 472 -12.76 -3.48 -9.19
N VAL B 473 -12.55 -2.99 -10.40
CA VAL B 473 -12.98 -3.71 -11.60
C VAL B 473 -11.93 -4.75 -11.99
N PHE B 474 -12.35 -6.01 -12.03
CA PHE B 474 -11.42 -7.10 -12.31
C PHE B 474 -11.95 -8.07 -13.34
N SER B 475 -11.15 -9.06 -13.68
CA SER B 475 -11.50 -10.08 -14.65
C SER B 475 -10.77 -11.39 -14.35
N GLY B 476 -11.49 -12.51 -14.39
CA GLY B 476 -10.91 -13.80 -14.12
C GLY B 476 -10.57 -13.99 -12.65
N ASP B 477 -9.97 -15.13 -12.32
CA ASP B 477 -9.62 -15.45 -10.94
C ASP B 477 -8.16 -15.84 -10.82
N PRO B 478 -7.53 -15.51 -9.67
CA PRO B 478 -6.12 -15.79 -9.41
C PRO B 478 -5.79 -17.28 -9.33
N LEU B 479 -4.51 -17.62 -9.43
CA LEU B 479 -4.07 -18.99 -9.27
C LEU B 479 -3.14 -19.14 -8.06
N LYS B 480 -3.47 -20.09 -7.19
CA LYS B 480 -2.73 -20.30 -5.95
C LYS B 480 -1.30 -20.76 -6.19
N ASN B 481 -1.14 -21.71 -7.13
CA ASN B 481 0.17 -22.30 -7.38
C ASN B 481 1.14 -21.36 -8.09
N ASP B 482 2.16 -20.94 -7.36
CA ASP B 482 3.22 -20.12 -7.94
C ASP B 482 4.58 -20.68 -7.56
N GLU B 483 4.62 -21.97 -7.24
CA GLU B 483 5.85 -22.61 -6.81
C GLU B 483 6.67 -23.14 -7.97
N ASP B 484 6.53 -22.50 -9.12
CA ASP B 484 7.42 -22.71 -10.26
C ASP B 484 8.09 -21.38 -10.57
N HIS B 485 7.95 -20.46 -9.62
CA HIS B 485 8.55 -19.13 -9.74
C HIS B 485 10.06 -19.19 -9.53
N ALA B 486 10.78 -18.48 -10.38
CA ALA B 486 12.24 -18.51 -10.36
C ALA B 486 12.82 -17.80 -9.13
N HIS B 487 12.06 -16.88 -8.56
CA HIS B 487 12.55 -16.05 -7.47
C HIS B 487 12.80 -16.81 -6.18
N TRP B 488 12.12 -17.93 -5.99
CA TRP B 488 12.33 -18.75 -4.80
C TRP B 488 13.71 -19.38 -4.85
N THR B 489 14.05 -19.92 -6.02
CA THR B 489 15.37 -20.51 -6.23
C THR B 489 16.46 -19.46 -6.15
N GLU B 490 16.20 -18.29 -6.75
CA GLU B 490 17.13 -17.18 -6.69
C GLU B 490 17.30 -16.69 -5.25
N ALA B 491 16.24 -16.81 -4.46
CA ALA B 491 16.29 -16.40 -3.06
C ALA B 491 17.22 -17.29 -2.25
N LYS B 492 17.19 -18.58 -2.55
CA LYS B 492 18.05 -19.54 -1.86
C LYS B 492 19.49 -19.41 -2.34
N MET B 493 19.66 -19.05 -3.61
CA MET B 493 20.98 -18.76 -4.16
C MET B 493 21.64 -17.62 -3.39
N LEU B 494 20.82 -16.63 -3.00
CA LEU B 494 21.31 -15.50 -2.23
C LEU B 494 21.50 -15.86 -0.76
N LEU B 495 20.60 -16.69 -0.25
CA LEU B 495 20.57 -17.01 1.17
C LEU B 495 21.78 -17.82 1.63
N ASP B 496 22.07 -18.91 0.94
CA ASP B 496 23.20 -19.75 1.33
C ASP B 496 24.53 -19.24 0.75
N ASN B 497 24.60 -17.94 0.51
CA ASN B 497 25.85 -17.29 0.18
C ASN B 497 26.15 -16.19 1.19
N ILE B 498 25.30 -16.12 2.21
CA ILE B 498 25.47 -15.16 3.29
C ILE B 498 26.31 -15.75 4.41
N TYR B 499 27.40 -15.05 4.76
CA TYR B 499 28.27 -15.48 5.84
C TYR B 499 27.51 -15.48 7.15
N THR B 500 27.63 -16.58 7.90
CA THR B 500 26.84 -16.75 9.10
C THR B 500 27.64 -17.47 10.18
N PRO B 501 27.47 -17.05 11.45
CA PRO B 501 28.17 -17.71 12.56
C PRO B 501 27.90 -19.22 12.57
N GLU B 502 28.87 -20.02 12.10
CA GLU B 502 28.66 -21.45 11.89
C GLU B 502 29.25 -22.34 12.99
N GLY B 503 28.37 -22.98 13.77
CA GLY B 503 26.96 -22.69 13.76
C GLY B 503 26.05 -23.35 12.73
N ILE B 504 25.05 -22.59 12.30
CA ILE B 504 23.91 -23.09 11.53
C ILE B 504 23.87 -22.68 10.05
N ILE B 505 22.78 -23.05 9.39
CA ILE B 505 22.56 -22.76 7.97
C ILE B 505 21.36 -21.84 7.77
N PRO B 506 21.55 -20.74 7.02
CA PRO B 506 20.47 -19.80 6.72
C PRO B 506 19.42 -20.41 5.79
N THR B 507 18.31 -20.88 6.35
CA THR B 507 17.23 -21.46 5.56
C THR B 507 16.15 -20.41 5.28
N LEU B 508 15.27 -20.72 4.33
CA LEU B 508 14.18 -19.81 3.98
C LEU B 508 13.20 -19.60 5.12
N PHE B 509 12.34 -18.60 4.98
CA PHE B 509 11.26 -18.37 5.94
C PHE B 509 10.36 -19.60 6.01
N GLY B 510 9.81 -19.86 7.19
CA GLY B 510 8.95 -21.03 7.41
C GLY B 510 7.88 -21.28 6.37
N PRO B 511 6.88 -20.38 6.30
CA PRO B 511 5.74 -20.55 5.37
C PRO B 511 6.12 -20.51 3.89
N GLU B 512 7.40 -20.38 3.58
CA GLU B 512 7.83 -20.25 2.19
C GLU B 512 8.89 -21.26 1.79
N ARG B 513 9.47 -21.95 2.77
CA ARG B 513 10.53 -22.92 2.49
C ARG B 513 9.99 -24.18 1.83
N GLU B 514 8.68 -24.31 1.79
CA GLU B 514 8.04 -25.47 1.17
C GLU B 514 7.77 -25.22 -0.31
N LYS B 515 8.19 -24.06 -0.79
CA LYS B 515 7.95 -23.67 -2.18
C LYS B 515 9.16 -23.99 -3.07
N THR B 516 10.16 -24.64 -2.47
CA THR B 516 11.30 -25.13 -3.24
C THR B 516 11.99 -26.27 -2.48
N GLN B 517 12.26 -27.36 -3.18
CA GLN B 517 12.90 -28.51 -2.57
C GLN B 517 14.41 -28.51 -2.85
N ALA B 518 14.94 -27.33 -3.16
CA ALA B 518 16.38 -27.17 -3.33
C ALA B 518 17.07 -27.39 -1.98
N ILE B 519 18.02 -28.32 -1.96
CA ILE B 519 18.73 -28.67 -0.73
C ILE B 519 19.50 -27.46 -0.18
N ASP B 520 19.46 -27.31 1.14
CA ASP B 520 20.12 -26.19 1.81
C ASP B 520 21.61 -26.14 1.53
N GLY B 521 22.07 -25.00 1.01
CA GLY B 521 23.49 -24.76 0.80
C GLY B 521 24.05 -25.40 -0.45
N GLU B 522 23.18 -25.84 -1.35
CA GLU B 522 23.64 -26.45 -2.58
C GLU B 522 24.06 -25.39 -3.60
N PHE B 523 23.83 -24.11 -3.25
CA PHE B 523 24.25 -23.01 -4.10
C PHE B 523 25.42 -22.25 -3.49
N ARG B 524 26.12 -22.90 -2.56
CA ARG B 524 27.26 -22.29 -1.88
C ARG B 524 28.43 -22.07 -2.83
N LEU B 525 28.91 -20.84 -2.91
CA LEU B 525 30.09 -20.51 -3.71
C LEU B 525 31.26 -20.14 -2.79
N ARG B 526 32.48 -20.48 -3.20
CA ARG B 526 33.63 -20.35 -2.32
C ARG B 526 34.68 -19.37 -2.83
N GLY B 527 34.91 -18.31 -2.05
CA GLY B 527 35.98 -17.38 -2.33
C GLY B 527 35.75 -16.49 -3.54
N GLU B 528 36.52 -16.72 -4.59
CA GLU B 528 36.52 -15.87 -5.77
C GLU B 528 35.18 -15.87 -6.50
N GLN B 529 34.54 -17.04 -6.55
CA GLN B 529 33.24 -17.18 -7.21
C GLN B 529 32.15 -16.39 -6.49
N ARG B 530 32.24 -16.31 -5.17
CA ARG B 530 31.27 -15.57 -4.38
C ARG B 530 31.36 -14.08 -4.66
N LYS B 531 32.59 -13.57 -4.70
CA LYS B 531 32.83 -12.16 -4.97
C LYS B 531 32.38 -11.81 -6.38
N THR B 532 32.63 -12.72 -7.32
CA THR B 532 32.21 -12.55 -8.71
C THR B 532 30.69 -12.53 -8.81
N PHE B 533 30.05 -13.38 -8.03
CA PHE B 533 28.59 -13.49 -8.02
C PHE B 533 27.94 -12.21 -7.54
N VAL B 534 28.43 -11.69 -6.41
CA VAL B 534 27.90 -10.45 -5.85
C VAL B 534 28.15 -9.28 -6.79
N GLU B 535 29.34 -9.26 -7.40
CA GLU B 535 29.72 -8.20 -8.32
C GLU B 535 28.88 -8.24 -9.60
N LEU B 536 28.55 -9.45 -10.04
CA LEU B 536 27.74 -9.63 -11.24
C LEU B 536 26.32 -9.10 -11.04
N MET B 537 25.80 -9.22 -9.83
CA MET B 537 24.46 -8.74 -9.53
C MET B 537 24.45 -7.23 -9.30
N ARG B 538 25.42 -6.76 -8.54
CA ARG B 538 25.47 -5.36 -8.12
C ARG B 538 25.99 -4.44 -9.23
N ARG B 539 27.17 -4.76 -9.76
CA ARG B 539 27.79 -3.90 -10.78
C ARG B 539 27.38 -4.31 -12.19
N GLY B 540 26.80 -5.49 -12.33
CA GLY B 540 26.43 -5.99 -13.64
C GLY B 540 24.95 -5.86 -13.97
N ASP B 541 24.15 -5.56 -12.95
CA ASP B 541 22.69 -5.42 -13.09
C ASP B 541 22.04 -6.66 -13.69
N LEU B 542 22.61 -7.82 -13.38
CA LEU B 542 22.10 -9.09 -13.91
C LEU B 542 21.30 -9.84 -12.85
N PRO B 543 20.27 -10.58 -13.28
CA PRO B 543 19.44 -11.38 -12.37
C PRO B 543 20.26 -12.41 -11.59
N VAL B 544 19.73 -12.86 -10.46
CA VAL B 544 20.44 -13.78 -9.57
C VAL B 544 20.81 -15.09 -10.25
N TRP B 545 19.88 -15.63 -11.03
CA TRP B 545 20.10 -16.91 -11.70
C TRP B 545 21.23 -16.83 -12.73
N LEU B 546 21.13 -15.87 -13.64
CA LEU B 546 22.16 -15.67 -14.65
C LEU B 546 23.51 -15.37 -14.03
N SER B 547 23.50 -14.54 -12.99
CA SER B 547 24.72 -14.19 -12.28
C SER B 547 25.34 -15.42 -11.62
N TYR B 548 24.50 -16.30 -11.11
CA TYR B 548 24.97 -17.52 -10.46
C TYR B 548 25.60 -18.46 -11.47
N LYS B 549 25.03 -18.50 -12.68
CA LYS B 549 25.53 -19.35 -13.74
C LYS B 549 26.89 -18.91 -14.23
N VAL B 550 27.05 -17.61 -14.46
CA VAL B 550 28.30 -17.05 -14.94
C VAL B 550 29.39 -17.13 -13.87
N ALA B 551 28.99 -16.89 -12.61
CA ALA B 551 29.94 -16.91 -11.51
C ALA B 551 30.43 -18.32 -11.21
N SER B 552 29.50 -19.28 -11.14
CA SER B 552 29.85 -20.65 -10.82
C SER B 552 30.50 -21.36 -12.01
N ALA B 553 30.66 -20.63 -13.11
CA ALA B 553 31.35 -21.16 -14.28
C ALA B 553 32.82 -20.77 -14.22
N GLY B 554 33.22 -20.12 -13.14
CA GLY B 554 34.59 -19.69 -12.95
C GLY B 554 34.96 -18.53 -13.85
N ILE B 555 33.96 -17.84 -14.36
CA ILE B 555 34.19 -16.71 -15.27
C ILE B 555 34.46 -15.43 -14.51
N SER B 556 35.56 -14.76 -14.85
CA SER B 556 35.88 -13.47 -14.25
C SER B 556 34.82 -12.44 -14.63
N TYR B 557 34.67 -11.41 -13.81
CA TYR B 557 33.64 -10.41 -14.01
C TYR B 557 33.81 -9.65 -15.31
N LYS B 558 35.04 -9.37 -15.68
CA LYS B 558 35.32 -8.57 -16.88
C LYS B 558 35.25 -9.39 -18.16
N ASP B 559 35.32 -10.71 -18.03
CA ASP B 559 35.21 -11.60 -19.18
C ASP B 559 33.79 -11.58 -19.74
N ARG B 560 33.65 -11.23 -21.01
CA ARG B 560 32.34 -11.11 -21.63
C ARG B 560 32.17 -12.07 -22.81
N GLU B 561 33.06 -13.04 -22.91
CA GLU B 561 33.06 -13.98 -24.04
C GLU B 561 31.81 -14.86 -24.04
N TRP B 562 31.25 -15.12 -22.86
CA TRP B 562 30.11 -16.02 -22.72
C TRP B 562 28.83 -15.45 -23.32
N CYS B 563 28.85 -14.16 -23.65
CA CYS B 563 27.67 -13.49 -24.20
C CYS B 563 27.51 -13.74 -25.70
N PHE B 564 28.42 -14.53 -26.27
CA PHE B 564 28.42 -14.74 -27.72
C PHE B 564 28.63 -16.19 -28.10
N THR B 565 28.91 -17.04 -27.11
CA THR B 565 29.20 -18.44 -27.38
C THR B 565 28.03 -19.35 -26.98
N GLY B 566 26.83 -19.00 -27.44
CA GLY B 566 25.65 -19.79 -27.10
C GLY B 566 25.07 -20.54 -28.29
N GLU B 567 24.05 -21.35 -28.02
CA GLU B 567 23.36 -22.09 -29.06
C GLU B 567 22.61 -21.14 -30.00
N ARG B 568 22.39 -21.57 -31.23
CA ARG B 568 21.69 -20.74 -32.22
C ARG B 568 20.32 -20.30 -31.73
N ASN B 569 19.72 -21.09 -30.84
CA ASN B 569 18.44 -20.76 -30.25
C ASN B 569 18.59 -19.79 -29.09
N ASN B 570 19.83 -19.53 -28.68
CA ASN B 570 20.10 -18.56 -27.64
C ASN B 570 20.36 -17.17 -28.23
N GLN B 571 20.14 -17.05 -29.53
CA GLN B 571 20.24 -15.76 -30.22
C GLN B 571 19.12 -14.83 -29.76
N ILE B 572 19.49 -13.61 -29.40
CA ILE B 572 18.54 -12.63 -28.89
C ILE B 572 18.03 -11.71 -30.00
N LEU B 573 16.72 -11.51 -30.03
CA LEU B 573 16.08 -10.69 -31.05
C LEU B 573 15.64 -9.35 -30.48
N GLU B 574 15.94 -8.27 -31.20
CA GLU B 574 15.50 -6.94 -30.82
C GLU B 574 14.61 -6.38 -31.92
N GLU B 575 13.30 -6.37 -31.67
CA GLU B 575 12.31 -5.93 -32.66
C GLU B 575 12.43 -6.75 -33.94
N ASN B 576 12.34 -8.07 -33.80
CA ASN B 576 12.30 -9.02 -34.91
C ASN B 576 13.60 -9.09 -35.74
N MET B 577 14.68 -8.53 -35.21
CA MET B 577 15.98 -8.65 -35.87
C MET B 577 17.03 -9.16 -34.89
N GLU B 578 18.00 -9.92 -35.40
CA GLU B 578 19.06 -10.48 -34.57
C GLU B 578 20.02 -9.39 -34.11
N VAL B 579 20.23 -9.31 -32.80
CA VAL B 579 21.11 -8.30 -32.22
C VAL B 579 22.57 -8.53 -32.57
N GLU B 580 23.23 -7.47 -33.06
CA GLU B 580 24.66 -7.52 -33.33
C GLU B 580 25.37 -6.46 -32.50
N ILE B 581 26.37 -6.88 -31.74
CA ILE B 581 27.01 -6.02 -30.75
C ILE B 581 28.48 -5.73 -31.05
N TRP B 582 28.85 -4.46 -30.99
CA TRP B 582 30.24 -4.05 -31.06
C TRP B 582 30.88 -4.15 -29.69
N THR B 583 31.82 -5.08 -29.55
CA THR B 583 32.42 -5.40 -28.25
C THR B 583 33.40 -4.34 -27.77
N ARG B 584 33.98 -4.59 -26.60
CA ARG B 584 35.02 -3.74 -26.03
C ARG B 584 36.23 -3.69 -26.96
N GLU B 585 36.52 -4.80 -27.61
CA GLU B 585 37.65 -4.89 -28.53
C GLU B 585 37.44 -3.97 -29.73
N GLY B 586 36.20 -3.90 -30.20
CA GLY B 586 35.87 -3.18 -31.41
C GLY B 586 35.36 -4.17 -32.45
N GLU B 587 35.04 -5.37 -31.98
CA GLU B 587 34.59 -6.45 -32.84
C GLU B 587 33.07 -6.55 -32.86
N LYS B 588 32.51 -6.96 -33.99
CA LYS B 588 31.07 -7.05 -34.16
C LYS B 588 30.58 -8.50 -34.16
N LYS B 589 29.87 -8.88 -33.12
CA LYS B 589 29.38 -10.25 -32.97
C LYS B 589 27.91 -10.29 -32.56
N LYS B 590 27.21 -11.32 -33.02
CA LYS B 590 25.79 -11.48 -32.75
C LYS B 590 25.52 -11.87 -31.31
N LEU B 591 24.62 -11.15 -30.64
CA LEU B 591 24.34 -11.38 -29.23
C LEU B 591 23.68 -12.75 -29.02
N ARG B 592 24.45 -13.66 -28.42
CA ARG B 592 23.99 -15.03 -28.24
C ARG B 592 24.58 -15.65 -26.97
N PRO B 593 24.00 -15.28 -25.81
CA PRO B 593 24.52 -15.69 -24.49
C PRO B 593 24.55 -17.20 -24.29
N LYS B 594 25.52 -17.66 -23.51
CA LYS B 594 25.68 -19.09 -23.23
C LYS B 594 24.52 -19.57 -22.35
N TRP B 595 24.10 -18.71 -21.42
CA TRP B 595 22.91 -18.96 -20.61
C TRP B 595 21.86 -17.89 -20.93
N LEU B 596 20.60 -18.29 -21.05
CA LEU B 596 19.56 -17.36 -21.49
C LEU B 596 18.56 -17.03 -20.39
N ASP B 597 18.59 -15.79 -19.93
CA ASP B 597 17.59 -15.28 -18.98
C ASP B 597 16.72 -14.26 -19.70
N ALA B 598 15.42 -14.53 -19.78
CA ALA B 598 14.51 -13.69 -20.54
C ALA B 598 14.36 -12.29 -19.96
N ARG B 599 14.86 -12.10 -18.75
CA ARG B 599 14.73 -10.82 -18.06
C ARG B 599 15.79 -9.81 -18.48
N VAL B 600 16.65 -10.19 -19.42
CA VAL B 600 17.68 -9.29 -19.91
C VAL B 600 17.31 -8.70 -21.28
N TYR B 601 16.23 -9.20 -21.87
CA TYR B 601 15.78 -8.67 -23.15
C TYR B 601 14.26 -8.59 -23.23
N ALA B 602 13.62 -8.57 -22.07
CA ALA B 602 12.16 -8.45 -22.01
C ALA B 602 11.72 -7.00 -22.24
N ASP B 603 12.63 -6.07 -21.99
CA ASP B 603 12.34 -4.64 -22.07
C ASP B 603 13.50 -3.87 -22.69
N PRO B 604 13.20 -2.89 -23.56
CA PRO B 604 14.19 -2.03 -24.22
C PRO B 604 15.27 -1.50 -23.27
N MET B 605 14.88 -1.10 -22.07
CA MET B 605 15.83 -0.63 -21.07
C MET B 605 16.71 -1.78 -20.58
N ALA B 606 16.07 -2.91 -20.32
CA ALA B 606 16.78 -4.09 -19.84
C ALA B 606 17.79 -4.58 -20.86
N LEU B 607 17.38 -4.60 -22.12
CA LEU B 607 18.27 -5.00 -23.20
C LEU B 607 19.38 -3.99 -23.39
N LYS B 608 19.04 -2.71 -23.26
CA LYS B 608 20.02 -1.63 -23.40
C LYS B 608 21.13 -1.76 -22.36
N ASP B 609 20.75 -2.07 -21.12
CA ASP B 609 21.71 -2.27 -20.05
C ASP B 609 22.56 -3.52 -20.33
N PHE B 610 21.89 -4.58 -20.80
CA PHE B 610 22.57 -5.85 -21.05
C PHE B 610 23.53 -5.74 -22.23
N LYS B 611 23.18 -4.92 -23.21
CA LYS B 611 24.06 -4.69 -24.35
C LYS B 611 25.23 -3.80 -23.95
N GLU B 612 25.00 -2.96 -22.94
CA GLU B 612 26.08 -2.14 -22.39
C GLU B 612 27.02 -3.02 -21.58
N PHE B 613 26.48 -4.12 -21.07
CA PHE B 613 27.27 -5.07 -20.29
C PHE B 613 28.08 -5.99 -21.20
N ALA B 614 27.50 -6.34 -22.34
CA ALA B 614 28.15 -7.23 -23.30
C ALA B 614 29.27 -6.51 -24.05
N SER B 615 29.17 -5.19 -24.16
CA SER B 615 30.18 -4.39 -24.85
C SER B 615 31.34 -4.05 -23.92
N GLY B 616 31.29 -4.58 -22.70
CA GLY B 616 32.35 -4.38 -21.74
C GLY B 616 32.45 -2.95 -21.24
N ARG B 617 31.38 -2.19 -21.40
CA ARG B 617 31.35 -0.80 -20.98
C ARG B 617 31.27 -0.68 -19.46
N LYS B 618 30.36 -1.44 -18.86
CA LYS B 618 30.18 -1.43 -17.41
C LYS B 618 30.58 -2.76 -16.79
#